data_8INA
#
_entry.id   8INA
#
_cell.length_a   45.741
_cell.length_b   52.667
_cell.length_c   202.111
_cell.angle_alpha   90.00
_cell.angle_beta   90.00
_cell.angle_gamma   90.00
#
_symmetry.space_group_name_H-M   'P 21 21 21'
#
loop_
_entity.id
_entity.type
_entity.pdbx_description
1 polymer Glycosyltransferase
2 non-polymer "URIDINE-5'-DIPHOSPHATE"
3 non-polymer GLYCEROL
4 water water
#
_entity_poly.entity_id   1
_entity_poly.type   'polypeptide(L)'
_entity_poly.pdbx_seq_one_letter_code
;MGTIDIITSPTPIHILAFPFPAKGHINPLLHLCNRLASKGFKITLITTVSTLKSVKTSKANGIDIESIPDGIPQEQNHQI
ITVMEMNMELYFKQFKASAIENTTKLIQKLKTKNPLPKVLIYDSSMPWILEVAHEQGLLGASFFTQPCSVSAIYYHMLQG
TIKLPLENSENGMVSLPYLPLLEIKDLPGVQQFEDNSEAVAELLADQFSNIDDVDYVLFNTFDALEIEVVNWMGSKWPIL
TVGPTAPTSMFFLDKKQKNYEDGRSINYLFETNTEVCMKWLDQREIDTVIYVSFGSLASLTEEQMEQVSQALIRSNCYFL
WVVREEEENKLPKDFKETTSKKKGLVINWCPQLDVLAHKSVACFMTHCGWNSTLEALCSGVPMICMPQWADQTTNAKLIE
HVWKIGVGVNKSDENGIVKREEIEDCIRQVIESERGKELKRNAIKWKELAKEAVSEGGSSCNNIQEFSSSLLFN
;
_entity_poly.pdbx_strand_id   A
#
# COMPACT_ATOMS: atom_id res chain seq x y z
N PRO A 12 -5.76 21.55 21.00
CA PRO A 12 -6.17 20.71 19.86
C PRO A 12 -6.76 19.38 20.29
N ILE A 13 -7.60 18.79 19.44
CA ILE A 13 -8.05 17.41 19.62
C ILE A 13 -6.90 16.47 19.27
N HIS A 14 -6.71 15.45 20.11
CA HIS A 14 -5.54 14.58 20.04
C HIS A 14 -5.92 13.22 19.47
N ILE A 15 -5.34 12.88 18.32
CA ILE A 15 -5.62 11.64 17.60
C ILE A 15 -4.42 10.72 17.75
N LEU A 16 -4.66 9.47 18.13
CA LEU A 16 -3.62 8.45 18.14
C LEU A 16 -3.75 7.61 16.87
N ALA A 17 -2.62 7.20 16.29
CA ALA A 17 -2.63 6.40 15.07
C ALA A 17 -1.71 5.19 15.21
N PHE A 18 -2.22 4.00 14.87
CA PHE A 18 -1.49 2.74 15.05
C PHE A 18 -1.58 1.89 13.78
N PRO A 19 -0.64 2.05 12.85
CA PRO A 19 -0.60 1.17 11.67
C PRO A 19 -0.03 -0.21 11.99
N PHE A 20 -0.39 -1.18 11.16
CA PHE A 20 0.32 -2.45 11.19
C PHE A 20 1.78 -2.20 10.77
N PRO A 21 2.77 -2.91 11.38
CA PRO A 21 4.20 -2.59 11.11
C PRO A 21 4.71 -3.09 9.77
N ALA A 22 4.29 -2.44 8.69
CA ALA A 22 4.79 -2.71 7.35
C ALA A 22 4.56 -1.44 6.53
N LYS A 23 5.45 -1.15 5.58
CA LYS A 23 5.45 0.17 4.95
C LYS A 23 4.15 0.46 4.19
N GLY A 24 3.57 -0.56 3.56
CA GLY A 24 2.30 -0.36 2.87
C GLY A 24 1.11 -0.10 3.81
N HIS A 25 1.31 -0.26 5.11
CA HIS A 25 0.29 0.10 6.09
C HIS A 25 0.64 1.40 6.80
N ILE A 26 1.93 1.58 7.13
CA ILE A 26 2.41 2.82 7.74
C ILE A 26 2.19 4.03 6.83
N ASN A 27 2.62 3.93 5.56
CA ASN A 27 2.63 5.12 4.71
C ASN A 27 1.23 5.71 4.47
N PRO A 28 0.21 4.96 4.02
CA PRO A 28 -1.11 5.60 3.83
C PRO A 28 -1.68 6.21 5.11
N LEU A 29 -1.40 5.62 6.26
CA LEU A 29 -1.88 6.22 7.52
C LEU A 29 -1.11 7.49 7.85
N LEU A 30 0.21 7.48 7.67
CA LEU A 30 1.00 8.72 7.80
C LEU A 30 0.42 9.84 6.94
N HIS A 31 0.08 9.54 5.68
CA HIS A 31 -0.43 10.62 4.82
C HIS A 31 -1.76 11.16 5.35
N LEU A 32 -2.63 10.28 5.87
CA LEU A 32 -3.86 10.76 6.50
C LEU A 32 -3.52 11.62 7.72
N CYS A 33 -2.60 11.15 8.56
CA CYS A 33 -2.20 11.94 9.73
C CYS A 33 -1.70 13.33 9.32
N ASN A 34 -0.94 13.43 8.22
CA ASN A 34 -0.43 14.75 7.82
C ASN A 34 -1.57 15.68 7.41
N ARG A 35 -2.57 15.14 6.71
CA ARG A 35 -3.74 15.94 6.37
C ARG A 35 -4.45 16.41 7.63
N LEU A 36 -4.60 15.53 8.62
CA LEU A 36 -5.34 15.90 9.83
C LEU A 36 -4.56 16.92 10.65
N ALA A 37 -3.24 16.78 10.71
CA ALA A 37 -2.41 17.76 11.40
C ALA A 37 -2.51 19.13 10.75
N SER A 38 -2.71 19.16 9.43
CA SER A 38 -2.90 20.44 8.72
C SER A 38 -4.20 21.11 9.11
N LYS A 39 -5.18 20.35 9.55
CA LYS A 39 -6.44 20.90 10.02
C LYS A 39 -6.41 21.24 11.51
N GLY A 40 -5.24 21.11 12.14
CA GLY A 40 -5.07 21.56 13.52
C GLY A 40 -5.08 20.48 14.58
N PHE A 41 -5.29 19.21 14.21
CA PHE A 41 -5.25 18.12 15.17
C PHE A 41 -3.81 17.82 15.61
N LYS A 42 -3.65 17.41 16.88
CA LYS A 42 -2.38 16.84 17.34
C LYS A 42 -2.36 15.34 17.07
N ILE A 43 -1.23 14.84 16.56
CA ILE A 43 -1.11 13.42 16.18
C ILE A 43 -0.01 12.78 17.01
N THR A 44 -0.28 11.58 17.54
CA THR A 44 0.77 10.70 18.04
C THR A 44 0.74 9.40 17.23
N LEU A 45 1.88 9.03 16.64
CA LEU A 45 1.99 7.81 15.85
C LEU A 45 2.64 6.72 16.71
N ILE A 46 2.03 5.53 16.73
CA ILE A 46 2.52 4.40 17.51
C ILE A 46 3.27 3.44 16.58
N THR A 47 4.55 3.20 16.85
CA THR A 47 5.36 2.30 16.02
C THR A 47 6.02 1.23 16.87
N THR A 48 6.33 0.09 16.26
CA THR A 48 7.17 -0.90 16.93
C THR A 48 8.63 -0.45 16.91
N VAL A 49 9.40 -1.00 17.85
CA VAL A 49 10.87 -0.80 17.87
C VAL A 49 11.48 -1.11 16.52
N SER A 50 11.04 -2.21 15.89
CA SER A 50 11.60 -2.60 14.60
C SER A 50 11.34 -1.55 13.53
N THR A 51 10.13 -0.99 13.48
CA THR A 51 9.85 0.08 12.53
C THR A 51 10.72 1.30 12.83
N LEU A 52 10.84 1.68 14.12
CA LEU A 52 11.58 2.90 14.46
C LEU A 52 13.03 2.81 14.04
N LYS A 53 13.59 1.60 13.99
CA LYS A 53 14.99 1.45 13.57
C LYS A 53 15.23 1.94 12.13
N SER A 54 14.22 1.83 11.26
CA SER A 54 14.32 2.30 9.89
C SER A 54 13.89 3.75 9.71
N VAL A 55 13.32 4.39 10.73
CA VAL A 55 12.86 5.77 10.58
C VAL A 55 14.08 6.69 10.57
N LYS A 56 14.16 7.55 9.55
CA LYS A 56 15.32 8.44 9.42
C LYS A 56 14.98 9.92 9.50
N THR A 57 13.76 10.30 9.14
CA THR A 57 13.35 11.71 9.17
C THR A 57 11.95 11.81 9.76
N SER A 58 11.80 12.63 10.81
CA SER A 58 10.49 12.81 11.39
C SER A 58 10.28 14.22 11.95
N LYS A 59 11.37 14.97 12.12
CA LYS A 59 11.26 16.27 12.80
C LYS A 59 10.26 17.20 12.10
N ALA A 60 10.32 17.26 10.77
CA ALA A 60 9.53 18.27 10.07
C ALA A 60 8.03 18.01 10.13
N ASN A 61 7.59 16.76 10.35
CA ASN A 61 6.17 16.52 10.30
C ASN A 61 5.45 16.89 11.61
N GLY A 62 6.18 17.16 12.69
CA GLY A 62 5.55 17.62 13.92
C GLY A 62 4.79 16.58 14.71
N ILE A 63 4.77 15.34 14.26
CA ILE A 63 4.00 14.28 14.90
C ILE A 63 4.85 13.62 15.99
N ASP A 64 4.28 13.46 17.18
CA ASP A 64 4.99 12.69 18.21
C ASP A 64 5.03 11.22 17.78
N ILE A 65 6.18 10.58 17.90
CA ILE A 65 6.30 9.15 17.65
C ILE A 65 6.58 8.45 18.99
N GLU A 66 5.76 7.43 19.32
CA GLU A 66 5.91 6.63 20.52
C GLU A 66 6.07 5.16 20.14
N SER A 67 7.00 4.46 20.75
CA SER A 67 7.27 3.09 20.31
C SER A 67 6.75 2.07 21.33
N ILE A 68 6.48 0.86 20.83
CA ILE A 68 6.10 -0.29 21.63
C ILE A 68 7.00 -1.46 21.24
N PRO A 69 7.14 -2.46 22.10
CA PRO A 69 7.93 -3.64 21.72
C PRO A 69 7.36 -4.31 20.47
N ASP A 70 8.23 -5.04 19.74
CA ASP A 70 7.76 -5.83 18.60
C ASP A 70 6.75 -6.88 19.03
N GLY A 71 7.01 -7.56 20.15
CA GLY A 71 6.18 -8.63 20.65
C GLY A 71 6.45 -9.99 20.04
N ILE A 72 7.35 -10.09 19.06
CA ILE A 72 7.76 -11.34 18.44
C ILE A 72 9.29 -11.37 18.37
N PRO A 73 9.97 -12.49 18.01
CA PRO A 73 11.42 -12.53 17.96
C PRO A 73 12.10 -11.51 17.03
N GLN A 74 13.28 -11.05 17.43
CA GLN A 74 14.07 -10.12 16.57
C GLN A 74 15.15 -10.97 15.88
N GLU A 75 15.08 -11.10 14.56
CA GLU A 75 16.01 -11.98 13.80
C GLU A 75 16.86 -11.11 12.88
N GLN A 76 18.19 -11.18 13.03
CA GLN A 76 19.12 -10.37 12.20
C GLN A 76 18.59 -8.94 12.08
N ASN A 77 18.49 -8.44 10.84
CA ASN A 77 17.94 -7.09 10.61
C ASN A 77 16.66 -7.25 9.79
N HIS A 78 15.93 -8.35 10.02
CA HIS A 78 14.70 -8.65 9.26
C HIS A 78 13.53 -7.80 9.78
N GLN A 79 12.50 -7.61 8.94
CA GLN A 79 11.33 -6.84 9.33
C GLN A 79 10.20 -7.77 9.81
N ILE A 80 9.18 -7.14 10.38
CA ILE A 80 8.24 -7.86 11.25
C ILE A 80 7.54 -8.99 10.50
N ILE A 81 7.04 -8.69 9.30
CA ILE A 81 6.31 -9.70 8.53
C ILE A 81 7.21 -10.90 8.22
N THR A 82 8.48 -10.63 7.90
CA THR A 82 9.42 -11.71 7.60
C THR A 82 9.56 -12.67 8.78
N VAL A 83 9.61 -12.12 9.99
CA VAL A 83 9.66 -12.97 11.18
C VAL A 83 8.34 -13.72 11.35
N MET A 84 7.20 -13.03 11.17
CA MET A 84 5.91 -13.72 11.32
C MET A 84 5.79 -14.91 10.38
N GLU A 85 6.32 -14.81 9.16
CA GLU A 85 6.17 -15.88 8.18
C GLU A 85 6.77 -17.21 8.63
N MET A 86 7.70 -17.18 9.60
CA MET A 86 8.24 -18.44 10.10
C MET A 86 7.17 -19.29 10.77
N ASN A 87 6.16 -18.65 11.36
CA ASN A 87 5.03 -19.36 11.98
C ASN A 87 3.93 -18.31 12.17
N MET A 88 3.13 -18.11 11.12
CA MET A 88 2.17 -17.00 11.12
C MET A 88 1.14 -17.15 12.24
N GLU A 89 0.59 -18.36 12.42
CA GLU A 89 -0.47 -18.49 13.40
C GLU A 89 0.04 -18.18 14.81
N LEU A 90 1.23 -18.67 15.16
CA LEU A 90 1.78 -18.41 16.48
C LEU A 90 2.21 -16.95 16.62
N TYR A 91 2.95 -16.44 15.64
CA TYR A 91 3.57 -15.12 15.80
C TYR A 91 2.57 -13.98 15.60
N PHE A 92 1.53 -14.17 14.79
CA PHE A 92 0.53 -13.11 14.73
C PHE A 92 -0.18 -12.99 16.07
N LYS A 93 -0.42 -14.11 16.72
CA LYS A 93 -1.14 -14.01 17.96
C LYS A 93 -0.24 -13.62 19.14
N GLN A 94 1.08 -13.83 19.06
CA GLN A 94 2.00 -13.20 20.02
C GLN A 94 2.07 -11.69 19.77
N PHE A 95 2.16 -11.26 18.51
CA PHE A 95 2.13 -9.83 18.20
C PHE A 95 0.86 -9.17 18.74
N LYS A 96 -0.28 -9.85 18.60
CA LYS A 96 -1.56 -9.33 19.08
C LYS A 96 -1.55 -9.14 20.60
N ALA A 97 -1.19 -10.20 21.34
CA ALA A 97 -1.19 -10.11 22.80
C ALA A 97 -0.29 -8.98 23.28
N SER A 98 0.93 -8.92 22.76
CA SER A 98 1.86 -7.85 23.14
C SER A 98 1.32 -6.48 22.77
N ALA A 99 0.70 -6.34 21.60
CA ALA A 99 0.22 -5.02 21.18
C ALA A 99 -0.91 -4.55 22.07
N ILE A 100 -1.82 -5.47 22.47
CA ILE A 100 -2.91 -5.13 23.39
C ILE A 100 -2.35 -4.60 24.71
N GLU A 101 -1.41 -5.36 25.29
CA GLU A 101 -0.81 -4.98 26.56
C GLU A 101 -0.11 -3.64 26.46
N ASN A 102 0.72 -3.46 25.41
CA ASN A 102 1.61 -2.31 25.37
C ASN A 102 0.92 -1.06 24.83
N THR A 103 -0.09 -1.20 23.96
CA THR A 103 -0.86 0.01 23.62
C THR A 103 -1.70 0.47 24.81
N THR A 104 -2.19 -0.46 25.63
CA THR A 104 -2.90 -0.08 26.85
C THR A 104 -1.99 0.73 27.77
N LYS A 105 -0.77 0.23 28.01
CA LYS A 105 0.22 0.93 28.84
C LYS A 105 0.53 2.31 28.26
N LEU A 106 0.72 2.39 26.95
CA LEU A 106 1.08 3.67 26.32
C LEU A 106 -0.05 4.69 26.48
N ILE A 107 -1.30 4.25 26.30
CA ILE A 107 -2.42 5.18 26.45
C ILE A 107 -2.53 5.65 27.90
N GLN A 108 -2.28 4.76 28.86
CA GLN A 108 -2.28 5.18 30.26
C GLN A 108 -1.23 6.27 30.51
N LYS A 109 -0.06 6.16 29.86
CA LYS A 109 0.95 7.22 29.96
C LYS A 109 0.49 8.50 29.26
N LEU A 110 -0.11 8.39 28.08
CA LEU A 110 -0.58 9.59 27.38
C LEU A 110 -1.67 10.30 28.16
N LYS A 111 -2.38 9.59 29.02
CA LYS A 111 -3.42 10.22 29.82
C LYS A 111 -2.86 11.08 30.96
N THR A 112 -1.55 11.12 31.14
CA THR A 112 -0.94 12.04 32.09
C THR A 112 -0.49 13.34 31.44
N LYS A 113 -0.80 13.56 30.18
CA LYS A 113 -0.35 14.72 29.42
C LYS A 113 -1.53 15.38 28.75
N ASN A 114 -1.48 16.71 28.63
CA ASN A 114 -2.44 17.48 27.87
C ASN A 114 -1.86 17.81 26.49
N PRO A 115 -2.65 17.73 25.41
CA PRO A 115 -4.07 17.34 25.38
C PRO A 115 -4.27 15.83 25.51
N LEU A 116 -5.34 15.45 26.21
CA LEU A 116 -5.66 14.03 26.39
C LEU A 116 -6.08 13.41 25.06
N PRO A 117 -5.76 12.14 24.84
CA PRO A 117 -6.16 11.48 23.59
C PRO A 117 -7.68 11.31 23.53
N LYS A 118 -8.24 11.43 22.32
CA LYS A 118 -9.69 11.31 22.14
C LYS A 118 -10.11 10.20 21.18
N VAL A 119 -9.28 9.86 20.19
CA VAL A 119 -9.63 8.86 19.20
C VAL A 119 -8.38 8.07 18.83
N LEU A 120 -8.58 6.79 18.51
CA LEU A 120 -7.52 5.89 18.05
C LEU A 120 -7.90 5.39 16.66
N ILE A 121 -7.14 5.82 15.65
CA ILE A 121 -7.23 5.26 14.29
C ILE A 121 -6.26 4.09 14.21
N TYR A 122 -6.79 2.89 13.96
CA TYR A 122 -5.98 1.68 13.95
C TYR A 122 -6.16 0.94 12.63
N ASP A 123 -5.12 0.22 12.24
CA ASP A 123 -5.15 -0.57 11.01
C ASP A 123 -6.26 -1.61 11.06
N SER A 124 -7.01 -1.75 9.94
CA SER A 124 -8.15 -2.67 9.91
C SER A 124 -7.73 -4.12 10.16
N SER A 125 -6.46 -4.47 9.95
CA SER A 125 -6.00 -5.84 10.18
C SER A 125 -5.82 -6.16 11.66
N MET A 126 -6.10 -5.20 12.54
CA MET A 126 -5.86 -5.34 13.98
C MET A 126 -7.20 -5.01 14.65
N PRO A 127 -8.29 -5.71 14.30
CA PRO A 127 -9.62 -5.28 14.76
C PRO A 127 -9.77 -5.28 16.28
N TRP A 128 -9.02 -6.15 16.98
CA TRP A 128 -9.05 -6.22 18.43
C TRP A 128 -8.56 -4.94 19.12
N ILE A 129 -7.91 -4.03 18.38
CA ILE A 129 -7.56 -2.74 18.98
C ILE A 129 -8.80 -1.90 19.29
N LEU A 130 -9.94 -2.17 18.63
CA LEU A 130 -11.18 -1.47 18.98
C LEU A 130 -11.49 -1.61 20.48
N GLU A 131 -11.36 -2.82 21.01
CA GLU A 131 -11.69 -3.04 22.42
C GLU A 131 -10.74 -2.29 23.35
N VAL A 132 -9.47 -2.17 22.97
CA VAL A 132 -8.52 -1.31 23.70
C VAL A 132 -8.99 0.14 23.70
N ALA A 133 -9.33 0.68 22.52
CA ALA A 133 -9.79 2.07 22.44
C ALA A 133 -10.99 2.29 23.36
N HIS A 134 -12.00 1.42 23.26
CA HIS A 134 -13.23 1.61 24.04
C HIS A 134 -12.98 1.41 25.53
N GLU A 135 -12.15 0.44 25.89
CA GLU A 135 -11.77 0.26 27.30
C GLU A 135 -11.13 1.50 27.87
N GLN A 136 -10.38 2.24 27.05
CA GLN A 136 -9.69 3.46 27.46
C GLN A 136 -10.53 4.73 27.25
N GLY A 137 -11.81 4.61 26.90
CA GLY A 137 -12.66 5.79 26.72
C GLY A 137 -12.43 6.59 25.45
N LEU A 138 -11.82 5.98 24.43
CA LEU A 138 -11.53 6.62 23.16
C LEU A 138 -12.49 6.11 22.09
N LEU A 139 -12.77 6.97 21.10
CA LEU A 139 -13.40 6.53 19.86
C LEU A 139 -12.43 5.65 19.07
N GLY A 140 -12.98 4.71 18.30
CA GLY A 140 -12.14 3.81 17.52
C GLY A 140 -12.47 3.91 16.03
N ALA A 141 -11.46 4.13 15.19
CA ALA A 141 -11.64 4.26 13.74
C ALA A 141 -10.79 3.21 13.04
N SER A 142 -11.42 2.32 12.28
CA SER A 142 -10.71 1.25 11.56
C SER A 142 -10.30 1.76 10.17
N PHE A 143 -9.00 1.71 9.87
CA PHE A 143 -8.44 2.25 8.62
C PHE A 143 -8.06 1.10 7.69
N PHE A 144 -8.84 0.90 6.62
CA PHE A 144 -8.57 -0.12 5.61
C PHE A 144 -7.59 0.41 4.57
N THR A 145 -6.47 -0.31 4.36
CA THR A 145 -5.41 0.08 3.44
C THR A 145 -5.51 -0.64 2.10
N GLN A 146 -6.67 -1.20 1.78
CA GLN A 146 -6.93 -1.87 0.52
C GLN A 146 -8.26 -1.36 0.00
N PRO A 147 -8.53 -1.50 -1.30
CA PRO A 147 -9.73 -0.91 -1.89
C PRO A 147 -10.99 -1.63 -1.41
N CYS A 148 -12.14 -1.01 -1.65
CA CYS A 148 -13.38 -1.63 -1.21
C CYS A 148 -13.63 -2.94 -1.97
N SER A 149 -13.23 -3.00 -3.24
CA SER A 149 -13.49 -4.20 -4.06
C SER A 149 -12.78 -5.42 -3.49
N VAL A 150 -11.53 -5.24 -3.06
CA VAL A 150 -10.80 -6.37 -2.49
C VAL A 150 -11.30 -6.68 -1.09
N SER A 151 -11.57 -5.63 -0.30
CA SER A 151 -12.07 -5.84 1.06
C SER A 151 -13.38 -6.60 1.06
N ALA A 152 -14.22 -6.35 0.05
CA ALA A 152 -15.49 -7.08 -0.09
C ALA A 152 -15.27 -8.58 -0.11
N ILE A 153 -14.19 -9.05 -0.77
CA ILE A 153 -13.91 -10.47 -0.82
C ILE A 153 -13.67 -11.03 0.58
N TYR A 154 -12.93 -10.30 1.41
CA TYR A 154 -12.68 -10.75 2.78
C TYR A 154 -13.96 -10.77 3.60
N TYR A 155 -14.88 -9.84 3.35
CA TYR A 155 -16.18 -9.88 4.01
C TYR A 155 -16.94 -11.14 3.64
N HIS A 156 -16.95 -11.48 2.35
CA HIS A 156 -17.64 -12.69 1.91
C HIS A 156 -16.99 -13.95 2.49
N MET A 157 -15.66 -13.94 2.68
CA MET A 157 -14.98 -15.06 3.33
C MET A 157 -15.44 -15.20 4.78
N LEU A 158 -15.61 -14.07 5.48
CA LEU A 158 -16.13 -14.13 6.85
C LEU A 158 -17.55 -14.69 6.89
N GLN A 159 -18.41 -14.26 5.95
CA GLN A 159 -19.77 -14.78 5.89
C GLN A 159 -19.85 -16.23 5.43
N GLY A 160 -18.75 -16.79 4.92
CA GLY A 160 -18.79 -18.15 4.41
C GLY A 160 -19.32 -18.28 3.00
N THR A 161 -19.53 -17.16 2.31
CA THR A 161 -20.00 -17.18 0.93
C THR A 161 -18.94 -17.73 -0.02
N ILE A 162 -17.66 -17.66 0.36
CA ILE A 162 -16.57 -18.20 -0.44
C ILE A 162 -15.46 -18.60 0.51
N LYS A 163 -14.68 -19.61 0.14
CA LYS A 163 -13.53 -20.05 0.93
C LYS A 163 -12.31 -20.12 0.04
N LEU A 164 -11.19 -19.58 0.52
CA LEU A 164 -9.97 -19.55 -0.29
C LEU A 164 -9.08 -20.78 -0.01
N MET A 173 -14.22 -20.13 -12.80
CA MET A 173 -14.60 -18.72 -12.63
C MET A 173 -15.39 -18.51 -11.34
N VAL A 174 -15.28 -17.30 -10.78
CA VAL A 174 -15.87 -16.96 -9.50
C VAL A 174 -16.67 -15.66 -9.65
N SER A 175 -17.93 -15.68 -9.23
CA SER A 175 -18.78 -14.50 -9.27
C SER A 175 -19.03 -14.01 -7.86
N LEU A 176 -18.79 -12.72 -7.64
CA LEU A 176 -19.12 -12.08 -6.38
C LEU A 176 -19.81 -10.74 -6.66
N PRO A 177 -20.70 -10.29 -5.78
CA PRO A 177 -21.53 -9.11 -6.08
C PRO A 177 -20.68 -7.88 -6.36
N TYR A 178 -20.98 -7.22 -7.47
CA TYR A 178 -20.36 -5.95 -7.87
C TYR A 178 -18.86 -6.06 -8.16
N LEU A 179 -18.35 -7.26 -8.42
CA LEU A 179 -16.99 -7.47 -8.88
C LEU A 179 -16.99 -8.08 -10.27
N PRO A 180 -15.96 -7.79 -11.09
CA PRO A 180 -15.86 -8.46 -12.39
C PRO A 180 -15.71 -9.96 -12.18
N LEU A 181 -16.19 -10.72 -13.16
CA LEU A 181 -15.96 -12.16 -13.17
C LEU A 181 -14.46 -12.43 -13.02
N LEU A 182 -14.11 -13.33 -12.10
CA LEU A 182 -12.74 -13.58 -11.74
C LEU A 182 -12.31 -14.98 -12.15
N GLU A 183 -11.08 -15.08 -12.66
CA GLU A 183 -10.47 -16.40 -12.77
C GLU A 183 -9.83 -16.73 -11.43
N ILE A 184 -9.55 -18.03 -11.24
CA ILE A 184 -9.02 -18.48 -9.95
C ILE A 184 -7.75 -17.71 -9.62
N LYS A 185 -6.92 -17.44 -10.64
CA LYS A 185 -5.69 -16.67 -10.48
C LYS A 185 -5.91 -15.21 -10.09
N ASP A 186 -7.14 -14.70 -10.20
CA ASP A 186 -7.42 -13.33 -9.77
C ASP A 186 -7.85 -13.21 -8.31
N LEU A 187 -8.13 -14.32 -7.62
CA LEU A 187 -8.49 -14.21 -6.21
C LEU A 187 -7.26 -13.85 -5.39
N PRO A 188 -7.44 -13.18 -4.25
CA PRO A 188 -6.29 -12.85 -3.39
C PRO A 188 -5.41 -14.07 -3.18
N GLY A 189 -4.10 -13.87 -3.33
CA GLY A 189 -3.17 -14.98 -3.33
C GLY A 189 -2.77 -15.42 -1.94
N VAL A 190 -3.55 -16.32 -1.33
CA VAL A 190 -3.18 -16.87 -0.03
C VAL A 190 -2.44 -18.20 -0.15
N GLN A 191 -2.63 -18.93 -1.26
CA GLN A 191 -1.93 -20.19 -1.47
C GLN A 191 -0.42 -19.99 -1.49
N GLN A 192 0.05 -18.82 -1.92
CA GLN A 192 1.48 -18.55 -1.99
C GLN A 192 2.15 -18.54 -0.62
N PHE A 193 1.37 -18.47 0.46
CA PHE A 193 1.92 -18.44 1.81
C PHE A 193 2.17 -19.83 2.40
N GLU A 194 1.90 -20.90 1.65
CA GLU A 194 2.35 -22.26 1.97
C GLU A 194 1.73 -22.72 3.28
N ASP A 195 2.52 -23.12 4.29
CA ASP A 195 1.96 -23.59 5.56
C ASP A 195 1.26 -22.46 6.33
N ASN A 196 1.53 -21.21 5.97
CA ASN A 196 0.89 -20.04 6.58
C ASN A 196 -0.42 -19.66 5.93
N SER A 197 -0.85 -20.41 4.91
CA SER A 197 -1.99 -19.97 4.10
C SER A 197 -3.28 -19.88 4.90
N GLU A 198 -3.56 -20.88 5.76
CA GLU A 198 -4.80 -20.84 6.52
C GLU A 198 -4.82 -19.67 7.50
N ALA A 199 -3.71 -19.44 8.20
CA ALA A 199 -3.65 -18.31 9.13
C ALA A 199 -3.87 -16.99 8.41
N VAL A 200 -3.32 -16.84 7.20
CA VAL A 200 -3.45 -15.59 6.47
C VAL A 200 -4.89 -15.36 6.04
N ALA A 201 -5.58 -16.41 5.58
CA ALA A 201 -6.97 -16.26 5.17
C ALA A 201 -7.86 -15.86 6.35
N GLU A 202 -7.58 -16.39 7.54
CA GLU A 202 -8.37 -16.08 8.72
C GLU A 202 -8.18 -14.63 9.15
N LEU A 203 -6.95 -14.11 9.13
CA LEU A 203 -6.72 -12.73 9.56
C LEU A 203 -7.36 -11.73 8.64
N LEU A 204 -7.36 -12.02 7.33
CA LEU A 204 -7.99 -11.10 6.38
C LEU A 204 -9.49 -11.04 6.60
N ALA A 205 -10.13 -12.19 6.79
CA ALA A 205 -11.57 -12.21 7.04
C ALA A 205 -11.93 -11.51 8.35
N ASP A 206 -11.08 -11.66 9.38
CA ASP A 206 -11.32 -11.05 10.70
C ASP A 206 -11.39 -9.53 10.66
N GLN A 207 -10.93 -8.89 9.60
CA GLN A 207 -11.12 -7.44 9.48
C GLN A 207 -12.57 -7.02 9.61
N PHE A 208 -13.54 -7.90 9.33
CA PHE A 208 -14.95 -7.54 9.40
C PHE A 208 -15.65 -8.08 10.66
N SER A 209 -14.90 -8.66 11.61
CA SER A 209 -15.49 -9.39 12.72
C SER A 209 -16.23 -8.49 13.73
N ASN A 210 -15.89 -7.20 13.81
CA ASN A 210 -16.55 -6.34 14.80
C ASN A 210 -17.00 -5.03 14.15
N ILE A 211 -17.26 -5.05 12.85
CA ILE A 211 -17.43 -3.80 12.11
C ILE A 211 -18.65 -3.03 12.60
N ASP A 212 -19.66 -3.72 13.15
CA ASP A 212 -20.82 -2.99 13.64
C ASP A 212 -20.53 -2.22 14.92
N ASP A 213 -19.43 -2.50 15.61
CA ASP A 213 -19.06 -1.78 16.84
C ASP A 213 -18.09 -0.62 16.61
N VAL A 214 -17.50 -0.53 15.42
CA VAL A 214 -16.53 0.50 15.09
C VAL A 214 -17.19 1.87 15.05
N ASP A 215 -16.50 2.90 15.54
CA ASP A 215 -17.09 4.23 15.52
C ASP A 215 -16.99 4.89 14.14
N TYR A 216 -15.88 4.65 13.42
CA TYR A 216 -15.69 5.18 12.06
C TYR A 216 -15.02 4.12 11.21
N VAL A 217 -15.51 3.89 10.00
CA VAL A 217 -14.90 2.92 9.08
C VAL A 217 -14.33 3.73 7.92
N LEU A 218 -13.00 3.75 7.77
CA LEU A 218 -12.31 4.53 6.72
C LEU A 218 -11.63 3.60 5.71
N PHE A 219 -11.78 3.93 4.41
CA PHE A 219 -11.15 3.21 3.30
C PHE A 219 -10.25 4.15 2.50
N ASN A 220 -9.03 3.70 2.15
CA ASN A 220 -8.14 4.50 1.30
C ASN A 220 -8.52 4.27 -0.17
N THR A 221 -9.61 4.90 -0.59
CA THR A 221 -10.09 4.82 -1.98
C THR A 221 -10.95 6.05 -2.24
N PHE A 222 -11.40 6.23 -3.49
CA PHE A 222 -12.39 7.27 -3.77
C PHE A 222 -13.56 6.69 -4.56
N ASP A 223 -14.74 7.29 -4.36
CA ASP A 223 -16.00 6.68 -4.81
C ASP A 223 -16.00 6.40 -6.31
N ALA A 224 -15.54 7.36 -7.11
CA ALA A 224 -15.61 7.21 -8.57
C ALA A 224 -14.81 6.00 -9.06
N LEU A 225 -13.84 5.53 -8.28
CA LEU A 225 -13.03 4.38 -8.66
C LEU A 225 -13.80 3.06 -8.55
N GLU A 226 -14.77 2.97 -7.64
CA GLU A 226 -15.49 1.70 -7.44
C GLU A 226 -16.90 2.03 -6.94
N ILE A 227 -17.66 2.69 -7.82
CA ILE A 227 -18.97 3.25 -7.47
C ILE A 227 -19.89 2.19 -6.89
N GLU A 228 -20.02 1.06 -7.59
CA GLU A 228 -21.06 0.11 -7.20
C GLU A 228 -20.72 -0.59 -5.88
N VAL A 229 -19.48 -1.03 -5.71
CA VAL A 229 -19.19 -1.74 -4.47
C VAL A 229 -19.20 -0.77 -3.28
N VAL A 230 -18.79 0.49 -3.48
CA VAL A 230 -18.89 1.47 -2.40
C VAL A 230 -20.35 1.69 -2.00
N ASN A 231 -21.23 1.81 -3.00
CA ASN A 231 -22.65 1.99 -2.71
C ASN A 231 -23.22 0.78 -1.96
N TRP A 232 -22.79 -0.43 -2.35
CA TRP A 232 -23.25 -1.65 -1.67
C TRP A 232 -22.80 -1.67 -0.22
N MET A 233 -21.53 -1.36 0.00
CA MET A 233 -20.97 -1.34 1.35
C MET A 233 -21.67 -0.30 2.20
N GLY A 234 -21.96 0.87 1.62
CA GLY A 234 -22.65 1.91 2.34
C GLY A 234 -24.09 1.58 2.70
N SER A 235 -24.72 0.66 1.96
CA SER A 235 -26.04 0.21 2.35
C SER A 235 -26.01 -0.63 3.63
N LYS A 236 -24.83 -1.09 4.05
CA LYS A 236 -24.70 -1.90 5.26
C LYS A 236 -24.17 -1.10 6.46
N TRP A 237 -23.10 -0.33 6.26
CA TRP A 237 -22.51 0.47 7.32
C TRP A 237 -22.23 1.86 6.78
N PRO A 238 -22.24 2.88 7.63
CA PRO A 238 -21.74 4.18 7.17
C PRO A 238 -20.23 4.07 7.05
N ILE A 239 -19.73 4.11 5.82
CA ILE A 239 -18.30 4.08 5.58
C ILE A 239 -17.88 5.46 5.07
N LEU A 240 -16.59 5.76 5.25
CA LEU A 240 -16.03 7.05 4.81
C LEU A 240 -14.86 6.77 3.88
N THR A 241 -15.04 7.06 2.58
CA THR A 241 -13.95 6.93 1.62
C THR A 241 -13.11 8.21 1.64
N VAL A 242 -11.82 8.07 1.97
CA VAL A 242 -10.98 9.23 2.23
C VAL A 242 -9.74 9.29 1.35
N GLY A 243 -9.67 8.48 0.28
CA GLY A 243 -8.44 8.35 -0.48
C GLY A 243 -8.45 9.13 -1.81
N PRO A 244 -7.27 9.29 -2.44
CA PRO A 244 -5.96 8.86 -1.91
C PRO A 244 -5.58 9.69 -0.70
N THR A 245 -5.10 9.07 0.38
CA THR A 245 -4.56 9.87 1.46
C THR A 245 -3.24 10.54 1.06
N ALA A 246 -2.48 9.90 0.18
CA ALA A 246 -1.22 10.48 -0.28
C ALA A 246 -1.48 11.81 -0.98
N PRO A 247 -0.65 12.83 -0.75
CA PRO A 247 -0.92 14.18 -1.26
C PRO A 247 -0.73 14.30 -2.76
N ILE A 266 7.77 16.30 4.36
CA ILE A 266 7.14 15.53 5.42
C ILE A 266 6.52 14.25 4.89
N ASN A 267 6.65 13.97 3.58
CA ASN A 267 5.92 12.85 3.02
C ASN A 267 6.59 11.49 3.24
N TYR A 268 7.82 11.43 3.76
CA TYR A 268 8.49 10.15 3.92
C TYR A 268 9.11 10.02 5.31
N LEU A 269 9.02 8.81 5.88
CA LEU A 269 9.72 8.56 7.15
C LEU A 269 11.08 7.93 6.94
N PHE A 270 11.27 7.23 5.84
CA PHE A 270 12.42 6.39 5.61
C PHE A 270 13.33 7.04 4.58
N GLU A 271 14.54 6.47 4.45
CA GLU A 271 15.54 7.00 3.54
C GLU A 271 15.06 6.79 2.09
N THR A 272 14.93 7.87 1.33
CA THR A 272 14.39 7.81 -0.04
C THR A 272 15.41 8.16 -1.12
N ASN A 273 16.65 8.54 -0.78
CA ASN A 273 17.65 8.90 -1.79
C ASN A 273 17.12 9.94 -2.78
N THR A 274 16.47 10.97 -2.24
CA THR A 274 15.70 11.87 -3.09
C THR A 274 16.58 12.62 -4.08
N GLU A 275 17.75 13.10 -3.63
CA GLU A 275 18.56 13.95 -4.50
C GLU A 275 19.09 13.16 -5.68
N VAL A 276 19.63 11.96 -5.43
CA VAL A 276 20.11 11.11 -6.54
C VAL A 276 18.99 10.82 -7.52
N CYS A 277 17.83 10.42 -7.01
CA CYS A 277 16.75 10.02 -7.91
C CYS A 277 16.25 11.19 -8.75
N MET A 278 16.04 12.34 -8.13
CA MET A 278 15.39 13.44 -8.82
C MET A 278 16.33 14.11 -9.82
N LYS A 279 17.63 14.18 -9.51
CA LYS A 279 18.57 14.74 -10.48
C LYS A 279 18.66 13.85 -11.72
N TRP A 280 18.57 12.54 -11.55
CA TRP A 280 18.68 11.62 -12.69
C TRP A 280 17.43 11.72 -13.56
N LEU A 281 16.25 11.75 -12.94
CA LEU A 281 15.01 11.90 -13.70
C LEU A 281 14.99 13.22 -14.46
N ASP A 282 15.56 14.28 -13.87
CA ASP A 282 15.60 15.59 -14.53
C ASP A 282 16.47 15.57 -15.77
N GLN A 283 17.34 14.57 -15.93
CA GLN A 283 18.12 14.48 -17.15
C GLN A 283 17.38 13.73 -18.26
N ARG A 284 16.15 13.26 -17.99
CA ARG A 284 15.41 12.43 -18.94
C ARG A 284 14.30 13.23 -19.63
N GLU A 285 14.07 12.91 -20.91
CA GLU A 285 13.01 13.58 -21.65
C GLU A 285 11.64 12.99 -21.29
N ILE A 286 10.58 13.75 -21.61
CA ILE A 286 9.21 13.33 -21.31
C ILE A 286 8.95 11.93 -21.85
N ASP A 287 8.30 11.10 -21.02
CA ASP A 287 7.78 9.79 -21.47
C ASP A 287 8.89 8.85 -21.94
N THR A 288 9.98 8.76 -21.20
CA THR A 288 11.04 7.85 -21.65
C THR A 288 11.49 6.84 -20.61
N VAL A 289 10.99 6.89 -19.37
CA VAL A 289 11.56 6.13 -18.27
C VAL A 289 10.58 5.05 -17.83
N ILE A 290 11.08 3.82 -17.68
CA ILE A 290 10.33 2.76 -17.01
C ILE A 290 10.69 2.78 -15.53
N TYR A 291 9.73 3.08 -14.66
CA TYR A 291 9.93 2.92 -13.22
C TYR A 291 9.56 1.49 -12.83
N VAL A 292 10.43 0.83 -12.07
CA VAL A 292 10.27 -0.58 -11.69
C VAL A 292 10.40 -0.73 -10.18
N SER A 293 9.38 -1.32 -9.55
CA SER A 293 9.48 -1.59 -8.11
C SER A 293 8.55 -2.74 -7.72
N PHE A 294 9.04 -3.61 -6.84
CA PHE A 294 8.19 -4.66 -6.30
C PHE A 294 7.82 -4.40 -4.84
N GLY A 295 7.89 -3.14 -4.41
CA GLY A 295 7.36 -2.77 -3.12
C GLY A 295 8.36 -2.99 -1.98
N SER A 296 7.82 -3.08 -0.77
CA SER A 296 8.63 -3.14 0.46
C SER A 296 8.85 -4.55 0.99
N LEU A 297 8.17 -5.56 0.44
CA LEU A 297 8.17 -6.89 1.05
C LEU A 297 8.53 -8.00 0.07
N ALA A 298 7.92 -7.99 -1.12
CA ALA A 298 8.10 -9.07 -2.08
C ALA A 298 9.58 -9.24 -2.44
N SER A 299 10.01 -10.49 -2.59
CA SER A 299 11.38 -10.80 -2.99
C SER A 299 11.35 -11.82 -4.12
N LEU A 300 12.03 -11.50 -5.22
CA LEU A 300 12.09 -12.40 -6.36
C LEU A 300 13.36 -13.25 -6.30
N THR A 301 13.26 -14.46 -6.86
CA THR A 301 14.40 -15.35 -6.89
C THR A 301 15.47 -14.81 -7.83
N GLU A 302 16.70 -15.27 -7.62
CA GLU A 302 17.79 -14.88 -8.51
C GLU A 302 17.45 -15.22 -9.96
N GLU A 303 16.75 -16.33 -10.18
CA GLU A 303 16.33 -16.70 -11.52
C GLU A 303 15.41 -15.63 -12.11
N GLN A 304 14.40 -15.21 -11.34
CA GLN A 304 13.46 -14.20 -11.82
C GLN A 304 14.14 -12.85 -12.01
N MET A 305 15.08 -12.51 -11.12
CA MET A 305 15.76 -11.23 -11.24
C MET A 305 16.59 -11.14 -12.50
N GLU A 306 17.17 -12.25 -12.95
CA GLU A 306 17.95 -12.22 -14.18
C GLU A 306 17.08 -11.94 -15.39
N GLN A 307 15.87 -12.50 -15.42
CA GLN A 307 14.95 -12.25 -16.52
C GLN A 307 14.59 -10.76 -16.59
N VAL A 308 14.27 -10.16 -15.43
CA VAL A 308 13.94 -8.72 -15.41
C VAL A 308 15.14 -7.90 -15.86
N SER A 309 16.35 -8.23 -15.39
CA SER A 309 17.54 -7.48 -15.77
C SER A 309 17.75 -7.47 -17.29
N GLN A 310 17.67 -8.64 -17.92
CA GLN A 310 17.92 -8.66 -19.36
C GLN A 310 16.78 -8.02 -20.15
N ALA A 311 15.54 -8.17 -19.67
CA ALA A 311 14.44 -7.48 -20.34
C ALA A 311 14.66 -5.97 -20.34
N LEU A 312 15.12 -5.41 -19.23
CA LEU A 312 15.31 -3.96 -19.17
C LEU A 312 16.44 -3.51 -20.09
N ILE A 313 17.55 -4.28 -20.14
CA ILE A 313 18.66 -3.92 -21.01
C ILE A 313 18.26 -3.99 -22.48
N ARG A 314 17.71 -5.13 -22.92
CA ARG A 314 17.36 -5.29 -24.33
C ARG A 314 16.23 -4.37 -24.78
N SER A 315 15.40 -3.90 -23.85
CA SER A 315 14.35 -2.95 -24.22
C SER A 315 14.93 -1.64 -24.75
N ASN A 316 16.17 -1.32 -24.37
CA ASN A 316 16.84 -0.07 -24.72
C ASN A 316 16.14 1.18 -24.17
N CYS A 317 15.25 1.03 -23.19
CA CYS A 317 14.69 2.20 -22.53
C CYS A 317 15.50 2.59 -21.31
N TYR A 318 15.36 3.86 -20.93
CA TYR A 318 15.84 4.32 -19.64
C TYR A 318 14.97 3.74 -18.54
N PHE A 319 15.58 3.42 -17.40
CA PHE A 319 14.82 2.77 -16.33
C PHE A 319 15.39 3.13 -14.97
N LEU A 320 14.49 3.22 -13.99
CA LEU A 320 14.84 3.39 -12.58
C LEU A 320 14.24 2.20 -11.83
N TRP A 321 15.10 1.36 -11.27
CA TRP A 321 14.66 0.10 -10.66
C TRP A 321 15.03 0.08 -9.18
N VAL A 322 14.01 0.01 -8.32
CA VAL A 322 14.21 -0.10 -6.87
C VAL A 322 14.50 -1.57 -6.56
N VAL A 323 15.71 -1.85 -6.11
CA VAL A 323 16.11 -3.17 -5.64
C VAL A 323 16.55 -2.97 -4.19
N ARG A 324 15.76 -3.46 -3.24
CA ARG A 324 16.05 -3.22 -1.83
C ARG A 324 17.43 -3.74 -1.47
N GLU A 325 18.03 -3.16 -0.42
CA GLU A 325 19.43 -3.45 -0.10
C GLU A 325 19.63 -4.95 0.20
N GLU A 326 18.69 -5.57 0.92
CA GLU A 326 18.85 -6.98 1.22
C GLU A 326 18.60 -7.90 0.02
N GLU A 327 18.13 -7.34 -1.11
CA GLU A 327 17.92 -8.13 -2.33
C GLU A 327 18.99 -7.90 -3.38
N GLU A 328 19.89 -6.94 -3.17
CA GLU A 328 20.90 -6.60 -4.19
C GLU A 328 21.76 -7.79 -4.56
N ASN A 329 22.06 -8.67 -3.61
CA ASN A 329 22.97 -9.78 -3.85
C ASN A 329 22.41 -10.83 -4.81
N LYS A 330 21.13 -10.75 -5.17
CA LYS A 330 20.53 -11.64 -6.14
C LYS A 330 20.61 -11.10 -7.57
N LEU A 331 21.14 -9.89 -7.76
CA LEU A 331 21.27 -9.33 -9.10
C LEU A 331 22.41 -10.02 -9.85
N PRO A 332 22.37 -10.04 -11.17
CA PRO A 332 23.53 -10.55 -11.93
C PRO A 332 24.77 -9.74 -11.59
N LYS A 333 25.91 -10.41 -11.50
CA LYS A 333 27.15 -9.71 -11.20
C LYS A 333 27.42 -8.64 -12.25
N ASP A 334 27.93 -7.49 -11.80
CA ASP A 334 28.22 -6.30 -12.57
C ASP A 334 26.98 -5.55 -13.08
N PHE A 335 25.77 -5.95 -12.68
CA PHE A 335 24.61 -5.25 -13.23
C PHE A 335 24.50 -3.84 -12.66
N LYS A 336 24.61 -3.71 -11.33
CA LYS A 336 24.45 -2.39 -10.70
C LYS A 336 25.61 -1.47 -11.04
N GLU A 337 26.82 -2.00 -11.16
CA GLU A 337 28.01 -1.16 -11.32
C GLU A 337 28.33 -0.82 -12.76
N THR A 338 28.01 -1.70 -13.72
CA THR A 338 28.42 -1.44 -15.09
C THR A 338 27.29 -1.49 -16.11
N THR A 339 26.68 -2.66 -16.31
CA THR A 339 25.79 -2.79 -17.46
C THR A 339 24.53 -1.95 -17.32
N SER A 340 24.08 -1.67 -16.10
CA SER A 340 22.94 -0.77 -15.95
C SER A 340 23.33 0.71 -16.06
N LYS A 341 24.61 1.02 -16.27
CA LYS A 341 25.05 2.42 -16.16
C LYS A 341 24.62 3.26 -17.36
N LYS A 342 24.54 2.65 -18.54
CA LYS A 342 24.22 3.44 -19.73
C LYS A 342 22.81 4.01 -19.65
N LYS A 343 21.83 3.18 -19.27
CA LYS A 343 20.43 3.55 -19.36
C LYS A 343 19.69 3.51 -18.03
N GLY A 344 20.29 2.97 -16.97
CA GLY A 344 19.51 2.76 -15.77
C GLY A 344 20.04 3.38 -14.49
N LEU A 345 19.16 3.49 -13.50
CA LEU A 345 19.54 3.86 -12.15
C LEU A 345 18.96 2.77 -11.23
N VAL A 346 19.82 2.02 -10.57
CA VAL A 346 19.44 0.99 -9.61
C VAL A 346 19.66 1.55 -8.21
N ILE A 347 18.61 1.62 -7.41
CA ILE A 347 18.64 2.32 -6.12
C ILE A 347 17.89 1.47 -5.08
N ASN A 348 18.25 1.60 -3.79
CA ASN A 348 17.61 0.71 -2.83
C ASN A 348 16.26 1.22 -2.31
N TRP A 349 15.89 2.46 -2.59
CA TRP A 349 14.58 3.03 -2.23
C TRP A 349 14.51 4.41 -2.87
N CYS A 350 13.33 4.82 -3.30
CA CYS A 350 13.19 6.11 -4.00
C CYS A 350 12.02 6.88 -3.41
N PRO A 351 11.89 8.18 -3.75
CA PRO A 351 10.70 8.92 -3.29
C PRO A 351 9.55 8.67 -4.26
N GLN A 352 8.79 7.60 -4.00
CA GLN A 352 7.90 7.05 -5.03
C GLN A 352 6.85 8.07 -5.47
N LEU A 353 6.32 8.87 -4.54
CA LEU A 353 5.33 9.87 -4.96
C LEU A 353 5.94 10.88 -5.94
N ASP A 354 7.18 11.31 -5.67
CA ASP A 354 7.84 12.29 -6.54
C ASP A 354 8.26 11.68 -7.88
N VAL A 355 8.63 10.40 -7.87
CA VAL A 355 9.00 9.70 -9.10
C VAL A 355 7.78 9.55 -9.99
N LEU A 356 6.65 9.08 -9.44
CA LEU A 356 5.46 8.91 -10.26
C LEU A 356 4.89 10.23 -10.76
N ALA A 357 5.17 11.35 -10.08
CA ALA A 357 4.76 12.65 -10.57
C ALA A 357 5.67 13.23 -11.64
N HIS A 358 6.82 12.60 -11.92
CA HIS A 358 7.80 13.19 -12.83
C HIS A 358 7.41 12.93 -14.30
N LYS A 359 7.48 13.98 -15.14
CA LYS A 359 7.01 13.88 -16.52
C LYS A 359 7.82 12.91 -17.36
N SER A 360 9.05 12.57 -16.94
CA SER A 360 9.86 11.62 -17.68
C SER A 360 9.35 10.17 -17.59
N VAL A 361 8.55 9.84 -16.58
CA VAL A 361 8.16 8.45 -16.36
C VAL A 361 7.08 8.07 -17.38
N ALA A 362 7.37 7.05 -18.19
CA ALA A 362 6.40 6.59 -19.18
C ALA A 362 5.49 5.48 -18.67
N CYS A 363 5.99 4.63 -17.76
CA CYS A 363 5.17 3.53 -17.24
C CYS A 363 5.85 2.93 -16.02
N PHE A 364 5.09 2.06 -15.34
CA PHE A 364 5.41 1.58 -14.00
C PHE A 364 5.26 0.07 -14.03
N MET A 365 6.37 -0.65 -14.04
CA MET A 365 6.33 -2.10 -13.86
C MET A 365 6.26 -2.37 -12.36
N THR A 366 5.13 -2.92 -11.89
CA THR A 366 4.77 -2.95 -10.48
C THR A 366 4.28 -4.33 -10.04
N HIS A 367 4.47 -4.63 -8.76
CA HIS A 367 3.86 -5.82 -8.17
C HIS A 367 2.39 -5.63 -7.82
N CYS A 368 1.86 -4.42 -7.99
CA CYS A 368 0.43 -4.14 -7.85
C CYS A 368 -0.04 -4.17 -6.39
N GLY A 369 0.85 -3.86 -5.44
CA GLY A 369 0.38 -3.52 -4.11
C GLY A 369 -0.61 -2.36 -4.21
N TRP A 370 -1.53 -2.22 -3.25
CA TRP A 370 -2.57 -1.20 -3.41
C TRP A 370 -2.01 0.22 -3.40
N ASN A 371 -1.06 0.54 -2.51
CA ASN A 371 -0.54 1.91 -2.53
C ASN A 371 0.09 2.26 -3.87
N SER A 372 0.89 1.34 -4.42
CA SER A 372 1.52 1.59 -5.71
C SER A 372 0.49 1.73 -6.81
N THR A 373 -0.54 0.88 -6.78
CA THR A 373 -1.62 0.94 -7.77
C THR A 373 -2.34 2.29 -7.72
N LEU A 374 -2.77 2.68 -6.52
CA LEU A 374 -3.49 3.94 -6.36
C LEU A 374 -2.61 5.13 -6.68
N GLU A 375 -1.36 5.12 -6.19
CA GLU A 375 -0.48 6.25 -6.45
C GLU A 375 -0.24 6.41 -7.96
N ALA A 376 -0.11 5.30 -8.68
CA ALA A 376 0.14 5.40 -10.13
C ALA A 376 -1.09 5.94 -10.85
N LEU A 377 -2.27 5.41 -10.51
CA LEU A 377 -3.51 5.85 -11.14
C LEU A 377 -3.77 7.34 -10.89
N CYS A 378 -3.54 7.80 -9.66
CA CYS A 378 -3.74 9.19 -9.32
C CYS A 378 -2.67 10.10 -9.93
N SER A 379 -1.55 9.53 -10.36
CA SER A 379 -0.51 10.28 -11.08
C SER A 379 -0.65 10.16 -12.60
N GLY A 380 -1.57 9.34 -13.10
CA GLY A 380 -1.71 9.22 -14.55
C GLY A 380 -0.67 8.36 -15.23
N VAL A 381 -0.13 7.35 -14.56
CA VAL A 381 0.97 6.54 -15.07
C VAL A 381 0.46 5.14 -15.35
N PRO A 382 0.55 4.64 -16.58
CA PRO A 382 0.09 3.28 -16.89
C PRO A 382 1.08 2.22 -16.41
N MET A 383 0.59 0.98 -16.24
CA MET A 383 1.35 -0.04 -15.54
C MET A 383 1.56 -1.32 -16.32
N ILE A 384 2.67 -1.99 -15.99
CA ILE A 384 2.95 -3.37 -16.37
C ILE A 384 2.81 -4.18 -15.09
N CYS A 385 1.86 -5.12 -15.07
CA CYS A 385 1.45 -5.79 -13.83
C CYS A 385 2.17 -7.12 -13.66
N MET A 386 2.83 -7.30 -12.51
CA MET A 386 3.49 -8.56 -12.17
C MET A 386 3.23 -8.87 -10.71
N PRO A 387 1.99 -9.24 -10.39
CA PRO A 387 1.59 -9.44 -8.98
C PRO A 387 2.24 -10.69 -8.41
N GLN A 388 2.48 -10.65 -7.10
CA GLN A 388 3.15 -11.76 -6.40
C GLN A 388 2.23 -12.51 -5.44
N TRP A 389 1.52 -11.83 -4.53
CA TRP A 389 0.64 -12.56 -3.61
C TRP A 389 -0.38 -11.61 -2.99
N ALA A 390 -1.27 -12.19 -2.16
CA ALA A 390 -2.30 -11.47 -1.39
C ALA A 390 -3.15 -10.65 -2.37
N ASP A 391 -3.46 -9.39 -2.06
CA ASP A 391 -4.39 -8.62 -2.87
C ASP A 391 -3.81 -8.23 -4.23
N GLN A 392 -2.51 -8.48 -4.47
CA GLN A 392 -1.88 -8.00 -5.71
C GLN A 392 -2.49 -8.64 -6.94
N THR A 393 -2.84 -9.93 -6.84
CA THR A 393 -3.45 -10.61 -7.97
C THR A 393 -4.78 -9.98 -8.37
N THR A 394 -5.63 -9.68 -7.38
CA THR A 394 -6.91 -9.02 -7.65
C THR A 394 -6.70 -7.61 -8.17
N ASN A 395 -5.76 -6.87 -7.58
CA ASN A 395 -5.48 -5.51 -8.03
C ASN A 395 -5.09 -5.51 -9.50
N ALA A 396 -4.27 -6.49 -9.92
CA ALA A 396 -3.84 -6.54 -11.32
C ALA A 396 -5.02 -6.76 -12.27
N LYS A 397 -6.00 -7.55 -11.86
CA LYS A 397 -7.20 -7.76 -12.68
C LYS A 397 -8.01 -6.46 -12.80
N LEU A 398 -8.16 -5.72 -11.71
CA LEU A 398 -8.85 -4.42 -11.76
C LEU A 398 -8.09 -3.43 -12.64
N ILE A 399 -6.76 -3.36 -12.52
CA ILE A 399 -5.95 -2.46 -13.35
C ILE A 399 -6.18 -2.74 -14.84
N GLU A 400 -6.09 -4.01 -15.23
CA GLU A 400 -6.15 -4.37 -16.65
C GLU A 400 -7.55 -4.34 -17.22
N HIS A 401 -8.53 -4.85 -16.48
CA HIS A 401 -9.82 -5.11 -17.08
C HIS A 401 -10.92 -4.16 -16.66
N VAL A 402 -10.80 -3.49 -15.51
CA VAL A 402 -11.81 -2.55 -15.05
C VAL A 402 -11.36 -1.12 -15.34
N TRP A 403 -10.27 -0.69 -14.72
CA TRP A 403 -9.79 0.67 -14.91
C TRP A 403 -9.04 0.84 -16.25
N LYS A 404 -8.52 -0.24 -16.82
CA LYS A 404 -7.89 -0.27 -18.16
C LYS A 404 -6.72 0.70 -18.27
N ILE A 405 -5.82 0.62 -17.30
CA ILE A 405 -4.63 1.46 -17.28
C ILE A 405 -3.36 0.63 -17.24
N GLY A 406 -3.45 -0.68 -17.49
CA GLY A 406 -2.27 -1.52 -17.48
C GLY A 406 -2.44 -2.79 -18.28
N VAL A 407 -1.30 -3.47 -18.49
CA VAL A 407 -1.27 -4.80 -19.10
C VAL A 407 -0.60 -5.75 -18.11
N GLY A 408 -0.96 -7.03 -18.22
CA GLY A 408 -0.43 -8.05 -17.31
C GLY A 408 0.56 -8.98 -17.98
N VAL A 409 1.57 -9.39 -17.24
CA VAL A 409 2.56 -10.36 -17.79
C VAL A 409 2.00 -11.77 -17.66
N ASN A 410 2.44 -12.68 -18.51
CA ASN A 410 2.02 -14.10 -18.38
C ASN A 410 3.23 -14.92 -17.92
N LYS A 411 3.05 -15.71 -16.85
CA LYS A 411 4.12 -16.60 -16.36
C LYS A 411 4.30 -17.74 -17.37
N SER A 412 5.47 -18.39 -17.38
CA SER A 412 5.69 -19.56 -18.25
C SER A 412 5.18 -20.81 -17.53
N ILE A 417 7.93 -18.88 -14.06
CA ILE A 417 8.82 -17.74 -14.25
C ILE A 417 8.33 -16.85 -15.38
N VAL A 418 8.40 -15.54 -15.19
CA VAL A 418 8.06 -14.58 -16.28
C VAL A 418 9.36 -14.36 -17.06
N LYS A 419 9.33 -14.55 -18.37
CA LYS A 419 10.57 -14.52 -19.16
C LYS A 419 10.83 -13.14 -19.75
N ARG A 420 12.10 -12.88 -20.09
CA ARG A 420 12.51 -11.57 -20.64
C ARG A 420 11.65 -11.18 -21.84
N GLU A 421 11.33 -12.12 -22.73
CA GLU A 421 10.57 -11.81 -23.96
C GLU A 421 9.16 -11.31 -23.59
N GLU A 422 8.53 -11.97 -22.63
CA GLU A 422 7.22 -11.54 -22.13
C GLU A 422 7.27 -10.12 -21.57
N ILE A 423 8.29 -9.83 -20.76
CA ILE A 423 8.42 -8.48 -20.23
C ILE A 423 8.72 -7.49 -21.37
N GLU A 424 9.64 -7.84 -22.26
CA GLU A 424 9.93 -6.97 -23.40
C GLU A 424 8.67 -6.69 -24.22
N ASP A 425 7.85 -7.73 -24.43
CA ASP A 425 6.59 -7.58 -25.14
C ASP A 425 5.70 -6.53 -24.47
N CYS A 426 5.57 -6.61 -23.14
CA CYS A 426 4.70 -5.68 -22.43
C CYS A 426 5.23 -4.26 -22.50
N ILE A 427 6.56 -4.09 -22.42
CA ILE A 427 7.15 -2.77 -22.53
C ILE A 427 6.82 -2.14 -23.88
N ARG A 428 6.96 -2.92 -24.96
CA ARG A 428 6.65 -2.37 -26.29
C ARG A 428 5.18 -1.99 -26.38
N GLN A 429 4.29 -2.83 -25.87
CA GLN A 429 2.86 -2.52 -25.82
C GLN A 429 2.59 -1.16 -25.18
N VAL A 430 3.20 -0.89 -24.02
CA VAL A 430 2.95 0.35 -23.30
C VAL A 430 3.69 1.53 -23.93
N ILE A 431 4.95 1.33 -24.31
CA ILE A 431 5.81 2.44 -24.71
C ILE A 431 5.62 2.80 -26.19
N GLU A 432 5.30 1.83 -27.02
CA GLU A 432 5.33 1.99 -28.48
C GLU A 432 3.95 1.92 -29.11
N SER A 433 3.17 0.89 -28.77
CA SER A 433 1.96 0.56 -29.48
C SER A 433 0.88 1.62 -29.30
N GLU A 434 -0.13 1.57 -30.18
CA GLU A 434 -1.30 2.44 -30.01
C GLU A 434 -2.08 2.07 -28.76
N ARG A 435 -2.06 0.80 -28.35
CA ARG A 435 -2.73 0.42 -27.11
C ARG A 435 -2.16 1.18 -25.93
N GLY A 436 -0.84 1.39 -25.91
CA GLY A 436 -0.22 2.14 -24.84
C GLY A 436 -0.74 3.55 -24.72
N LYS A 437 -1.05 4.17 -25.87
CA LYS A 437 -1.61 5.52 -25.88
C LYS A 437 -3.00 5.55 -25.27
N GLU A 438 -3.81 4.53 -25.53
CA GLU A 438 -5.13 4.44 -24.89
C GLU A 438 -4.97 4.27 -23.37
N LEU A 439 -4.05 3.42 -22.94
CA LEU A 439 -3.85 3.23 -21.51
C LEU A 439 -3.44 4.53 -20.84
N LYS A 440 -2.61 5.33 -21.51
CA LYS A 440 -2.20 6.62 -20.95
C LYS A 440 -3.38 7.58 -20.88
N ARG A 441 -4.19 7.64 -21.95
CA ARG A 441 -5.39 8.48 -21.90
C ARG A 441 -6.30 8.07 -20.76
N ASN A 442 -6.48 6.76 -20.56
CA ASN A 442 -7.31 6.27 -19.46
C ASN A 442 -6.72 6.65 -18.10
N ALA A 443 -5.39 6.56 -17.96
CA ALA A 443 -4.76 6.93 -16.69
C ALA A 443 -4.95 8.41 -16.38
N ILE A 444 -4.86 9.26 -17.41
CA ILE A 444 -5.06 10.70 -17.23
C ILE A 444 -6.50 10.99 -16.80
N LYS A 445 -7.46 10.25 -17.36
CA LYS A 445 -8.85 10.40 -16.92
C LYS A 445 -9.00 10.07 -15.43
N TRP A 446 -8.35 9.00 -14.97
CA TRP A 446 -8.46 8.68 -13.55
C TRP A 446 -7.74 9.70 -12.68
N LYS A 447 -6.63 10.24 -13.15
CA LYS A 447 -5.92 11.30 -12.43
C LYS A 447 -6.83 12.49 -12.18
N GLU A 448 -7.62 12.87 -13.20
CA GLU A 448 -8.54 13.99 -13.05
C GLU A 448 -9.66 13.69 -12.08
N LEU A 449 -10.18 12.45 -12.08
CA LEU A 449 -11.24 12.13 -11.12
C LEU A 449 -10.69 12.06 -9.70
N ALA A 450 -9.44 11.63 -9.53
CA ALA A 450 -8.83 11.61 -8.21
C ALA A 450 -8.57 13.03 -7.69
N LYS A 451 -8.12 13.92 -8.57
CA LYS A 451 -7.96 15.33 -8.21
C LYS A 451 -9.28 15.92 -7.74
N GLU A 452 -10.35 15.64 -8.48
CA GLU A 452 -11.69 16.07 -8.08
C GLU A 452 -12.06 15.55 -6.69
N ALA A 453 -11.78 14.27 -6.43
CA ALA A 453 -12.22 13.67 -5.17
C ALA A 453 -11.56 14.34 -3.96
N VAL A 454 -10.30 14.76 -4.09
CA VAL A 454 -9.56 15.29 -2.93
C VAL A 454 -9.63 16.80 -2.82
N SER A 455 -10.14 17.50 -3.82
CA SER A 455 -10.29 18.94 -3.79
C SER A 455 -11.62 19.32 -3.14
N GLU A 456 -11.79 20.62 -2.91
CA GLU A 456 -12.98 21.11 -2.22
C GLU A 456 -14.24 20.68 -2.96
N GLY A 457 -15.21 20.14 -2.22
CA GLY A 457 -16.44 19.66 -2.81
C GLY A 457 -16.40 18.24 -3.33
N GLY A 458 -15.23 17.59 -3.35
CA GLY A 458 -15.14 16.21 -3.80
C GLY A 458 -15.49 15.20 -2.71
N SER A 459 -15.71 13.94 -3.11
CA SER A 459 -16.20 12.94 -2.17
C SER A 459 -15.23 12.69 -1.02
N SER A 460 -13.94 12.58 -1.31
CA SER A 460 -12.99 12.29 -0.24
C SER A 460 -12.76 13.51 0.64
N CYS A 461 -12.73 14.69 0.03
CA CYS A 461 -12.59 15.92 0.81
C CYS A 461 -13.74 16.08 1.78
N ASN A 462 -14.97 15.90 1.27
CA ASN A 462 -16.16 15.96 2.11
C ASN A 462 -16.10 14.92 3.25
N ASN A 463 -15.65 13.70 2.94
CA ASN A 463 -15.65 12.65 3.96
C ASN A 463 -14.62 12.94 5.07
N ILE A 464 -13.45 13.49 4.70
CA ILE A 464 -12.49 13.85 5.75
C ILE A 464 -13.02 15.02 6.59
N GLN A 465 -13.74 15.95 5.96
CA GLN A 465 -14.41 17.03 6.70
C GLN A 465 -15.47 16.48 7.66
N GLU A 466 -16.25 15.49 7.22
CA GLU A 466 -17.26 14.89 8.09
C GLU A 466 -16.61 14.21 9.28
N PHE A 467 -15.55 13.42 9.04
CA PHE A 467 -14.79 12.81 10.13
C PHE A 467 -14.28 13.87 11.10
N SER A 468 -13.63 14.90 10.56
CA SER A 468 -13.05 15.95 11.40
C SER A 468 -14.12 16.65 12.24
N SER A 469 -15.28 16.96 11.64
CA SER A 469 -16.32 17.70 12.35
C SER A 469 -16.98 16.83 13.43
N SER A 470 -17.09 15.52 13.17
CA SER A 470 -17.63 14.59 14.16
C SER A 470 -16.79 14.59 15.43
N LEU A 471 -15.47 14.69 15.28
CA LEU A 471 -14.59 14.71 16.45
C LEU A 471 -14.70 16.00 17.25
N LEU A 472 -15.24 17.06 16.66
CA LEU A 472 -15.23 18.38 17.28
C LEU A 472 -16.43 18.61 18.20
#